data_2UWJ
#
_entry.id   2UWJ
#
_cell.length_a   85.305
_cell.length_b   85.305
_cell.length_c   157.553
_cell.angle_alpha   90.00
_cell.angle_beta   90.00
_cell.angle_gamma   120.00
#
_symmetry.space_group_name_H-M   'P 62 2 2'
#
loop_
_entity.id
_entity.type
_entity.pdbx_description
1 polymer 'TYPE III EXPORT PROTEIN PSCE'
2 polymer 'TYPE III EXPORT PROTEIN PSCF'
3 polymer 'TYPE III EXPORT PROTEIN PSCG'
4 non-polymer 'NICKEL (II) ION'
5 water water
#
loop_
_entity_poly.entity_id
_entity_poly.type
_entity_poly.pdbx_seq_one_letter_code
_entity_poly.pdbx_strand_id
1 'polypeptide(L)' GSHMMTALETRLSVADGTHAAALRQRLQAALAECRRELARGACPERFQFLQQQARALEGGLGILSQLTED E
2 'polypeptide(L)' MHKINKWSVIYNINSTVTRALRDLMQGILQKI F
3 'polypeptide(L)'
;MDTSLIRELAELALAGSGQHCHEEALCIAEWLERLGQDEAARLIRISSLANQGRYQEALAFAHGNPWPALEPWFALCEWH
LGLGAALDRRLAGLGGSSDPALADFAAGMRAQVRT
;
G
#
loop_
_chem_comp.id
_chem_comp.type
_chem_comp.name
_chem_comp.formula
NI non-polymer 'NICKEL (II) ION' 'Ni 2'
#
# COMPACT_ATOMS: atom_id res chain seq x y z
N GLY A 1 -5.82 -10.59 3.01
CA GLY A 1 -5.67 -12.05 2.74
C GLY A 1 -6.36 -12.91 3.80
N SER A 2 -6.26 -14.25 3.65
CA SER A 2 -6.88 -15.18 4.61
C SER A 2 -6.39 -14.68 5.96
N HIS A 3 -5.09 -14.63 6.19
CA HIS A 3 -4.75 -13.97 7.42
C HIS A 3 -3.87 -12.77 7.52
N MET A 4 -4.62 -11.66 7.51
CA MET A 4 -4.21 -10.27 7.57
C MET A 4 -2.88 -9.92 6.95
N MET A 5 -2.94 -9.21 5.85
CA MET A 5 -1.76 -8.75 5.17
C MET A 5 -1.19 -7.53 5.90
N THR A 6 -1.98 -6.87 6.75
CA THR A 6 -1.45 -5.70 7.44
C THR A 6 -1.77 -5.68 8.94
N ALA A 7 -0.93 -4.94 9.68
CA ALA A 7 -1.08 -4.79 11.13
C ALA A 7 -2.46 -4.18 11.45
N LEU A 8 -2.85 -3.15 10.70
CA LEU A 8 -4.15 -2.49 10.90
C LEU A 8 -5.28 -3.55 10.82
N GLU A 9 -5.26 -4.41 9.82
CA GLU A 9 -6.31 -5.42 9.71
C GLU A 9 -6.35 -6.32 10.94
N THR A 10 -5.19 -6.63 11.53
CA THR A 10 -5.22 -7.47 12.74
C THR A 10 -5.89 -6.65 13.85
N ARG A 11 -5.46 -5.41 14.01
CA ARG A 11 -6.05 -4.52 15.00
C ARG A 11 -7.59 -4.52 14.83
N LEU A 12 -8.06 -4.40 13.59
CA LEU A 12 -9.49 -4.39 13.31
C LEU A 12 -10.20 -5.76 13.42
N SER A 13 -9.48 -6.87 13.49
CA SER A 13 -10.14 -8.17 13.56
C SER A 13 -10.62 -8.50 14.99
N VAL A 14 -10.36 -7.57 15.90
CA VAL A 14 -10.71 -7.69 17.30
C VAL A 14 -12.23 -7.66 17.53
N ALA A 15 -12.71 -8.53 18.41
CA ALA A 15 -14.14 -8.67 18.78
C ALA A 15 -14.96 -7.36 18.85
N ASP A 16 -14.65 -6.51 19.81
CA ASP A 16 -15.34 -5.25 19.95
C ASP A 16 -14.66 -4.26 19.01
N GLY A 17 -15.41 -3.82 18.00
CA GLY A 17 -14.87 -2.89 17.04
C GLY A 17 -14.45 -1.56 17.65
N THR A 18 -13.97 -1.59 18.88
CA THR A 18 -13.55 -0.35 19.50
C THR A 18 -12.59 0.44 18.60
N HIS A 19 -11.58 -0.21 18.04
CA HIS A 19 -10.62 0.49 17.19
C HIS A 19 -11.27 1.02 15.89
N ALA A 20 -12.06 0.21 15.22
CA ALA A 20 -12.69 0.65 13.99
C ALA A 20 -13.59 1.85 14.21
N ALA A 21 -14.42 1.81 15.25
CA ALA A 21 -15.35 2.91 15.53
C ALA A 21 -14.56 4.15 15.81
N ALA A 22 -13.50 4.02 16.59
CA ALA A 22 -12.64 5.15 16.95
C ALA A 22 -11.95 5.75 15.73
N LEU A 23 -11.42 4.88 14.86
CA LEU A 23 -10.74 5.38 13.67
C LEU A 23 -11.76 6.10 12.76
N ARG A 24 -12.93 5.50 12.56
CA ARG A 24 -13.95 6.10 11.73
C ARG A 24 -14.31 7.51 12.23
N GLN A 25 -14.47 7.67 13.54
CA GLN A 25 -14.81 8.97 14.10
C GLN A 25 -13.73 9.98 13.85
N ARG A 26 -12.47 9.58 13.99
CA ARG A 26 -11.37 10.51 13.76
C ARG A 26 -11.33 10.95 12.28
N LEU A 27 -11.57 10.00 11.38
CA LEU A 27 -11.55 10.30 9.94
C LEU A 27 -12.73 11.25 9.60
N GLN A 28 -13.91 10.92 10.10
CA GLN A 28 -15.10 11.77 9.87
C GLN A 28 -14.90 13.18 10.43
N ALA A 29 -14.33 13.26 11.64
CA ALA A 29 -14.08 14.57 12.24
C ALA A 29 -13.13 15.36 11.35
N ALA A 30 -12.02 14.73 10.91
CA ALA A 30 -11.07 15.43 10.05
C ALA A 30 -11.72 15.80 8.69
N LEU A 31 -12.57 14.96 8.16
CA LEU A 31 -13.20 15.28 6.88
C LEU A 31 -14.19 16.46 7.04
N ALA A 32 -14.88 16.52 8.18
CA ALA A 32 -15.84 17.63 8.40
C ALA A 32 -15.09 18.98 8.54
N GLU A 33 -13.93 18.99 9.20
CA GLU A 33 -13.17 20.23 9.35
C GLU A 33 -12.69 20.64 8.00
N CYS A 34 -12.28 19.64 7.21
CA CYS A 34 -11.79 19.91 5.88
C CYS A 34 -12.91 20.58 5.00
N ARG A 35 -14.11 20.05 5.08
CA ARG A 35 -15.23 20.58 4.29
C ARG A 35 -15.62 21.98 4.80
N ARG A 36 -15.55 22.18 6.10
CA ARG A 36 -15.85 23.50 6.65
C ARG A 36 -14.84 24.53 6.13
N GLU A 37 -13.55 24.20 6.15
CA GLU A 37 -12.56 25.14 5.66
C GLU A 37 -12.70 25.42 4.13
N LEU A 38 -13.11 24.41 3.37
CA LEU A 38 -13.29 24.57 1.94
C LEU A 38 -14.45 25.54 1.74
N ALA A 39 -15.49 25.39 2.54
CA ALA A 39 -16.69 26.22 2.45
C ALA A 39 -16.38 27.70 2.76
N ARG A 40 -15.40 27.98 3.60
CA ARG A 40 -15.07 29.37 3.89
C ARG A 40 -14.39 30.03 2.70
N GLY A 41 -13.79 29.26 1.79
CA GLY A 41 -13.18 29.85 0.61
C GLY A 41 -11.76 29.52 0.17
N ALA A 42 -10.84 29.39 1.08
CA ALA A 42 -9.45 29.10 0.74
C ALA A 42 -8.81 29.65 -0.59
N CYS A 43 -7.58 30.15 -0.46
CA CYS A 43 -6.85 30.60 -1.65
C CYS A 43 -6.74 29.41 -2.60
N PRO A 44 -6.36 29.59 -3.90
CA PRO A 44 -6.28 28.44 -4.81
C PRO A 44 -5.31 27.29 -4.48
N GLU A 45 -4.18 27.64 -3.89
CA GLU A 45 -3.18 26.65 -3.51
C GLU A 45 -3.77 25.80 -2.37
N ARG A 46 -4.37 26.47 -1.38
CA ARG A 46 -4.93 25.78 -0.22
C ARG A 46 -6.13 24.97 -0.66
N PHE A 47 -6.83 25.47 -1.66
CA PHE A 47 -8.02 24.78 -2.12
C PHE A 47 -7.68 23.42 -2.76
N GLN A 48 -6.63 23.39 -3.57
CA GLN A 48 -6.23 22.15 -4.24
C GLN A 48 -5.72 21.19 -3.14
N PHE A 49 -5.02 21.75 -2.17
CA PHE A 49 -4.49 20.97 -1.01
C PHE A 49 -5.65 20.37 -0.21
N LEU A 50 -6.64 21.20 0.16
CA LEU A 50 -7.77 20.73 0.92
C LEU A 50 -8.60 19.68 0.17
N GLN A 51 -8.75 19.86 -1.13
CA GLN A 51 -9.55 18.91 -1.89
C GLN A 51 -8.86 17.53 -1.88
N GLN A 52 -7.53 17.53 -2.06
CA GLN A 52 -6.77 16.28 -2.04
C GLN A 52 -6.90 15.67 -0.63
N GLN A 53 -6.84 16.52 0.40
CA GLN A 53 -6.98 16.00 1.75
C GLN A 53 -8.35 15.39 1.97
N ALA A 54 -9.39 16.08 1.52
CA ALA A 54 -10.74 15.54 1.67
C ALA A 54 -10.89 14.22 0.91
N ARG A 55 -10.31 14.15 -0.28
CA ARG A 55 -10.48 12.89 -1.01
C ARG A 55 -9.71 11.75 -0.33
N ALA A 56 -8.58 12.07 0.29
CA ALA A 56 -7.78 11.03 0.99
C ALA A 56 -8.58 10.51 2.17
N LEU A 57 -9.22 11.42 2.89
CA LEU A 57 -10.03 11.06 4.05
C LEU A 57 -11.26 10.26 3.63
N GLU A 58 -11.94 10.71 2.57
CA GLU A 58 -13.11 9.97 2.05
C GLU A 58 -12.62 8.57 1.59
N GLY A 59 -11.41 8.51 0.99
CA GLY A 59 -10.90 7.20 0.58
C GLY A 59 -10.64 6.30 1.81
N GLY A 60 -10.09 6.90 2.87
CA GLY A 60 -9.85 6.13 4.09
C GLY A 60 -11.14 5.55 4.68
N LEU A 61 -12.21 6.36 4.69
CA LEU A 61 -13.51 5.93 5.21
C LEU A 61 -14.07 4.80 4.35
N GLY A 62 -13.88 4.95 3.04
CA GLY A 62 -14.35 3.92 2.12
C GLY A 62 -13.54 2.63 2.32
N ILE A 63 -12.24 2.71 2.50
CA ILE A 63 -11.50 1.46 2.70
C ILE A 63 -11.94 0.85 4.06
N LEU A 64 -12.03 1.67 5.12
CA LEU A 64 -12.42 1.16 6.46
C LEU A 64 -13.77 0.43 6.41
N SER A 65 -14.71 0.98 5.68
CA SER A 65 -16.01 0.32 5.53
C SER A 65 -15.87 -1.03 4.90
N GLN A 66 -15.08 -1.13 3.85
CA GLN A 66 -14.87 -2.42 3.21
C GLN A 66 -14.09 -3.41 4.11
N LEU A 67 -13.12 -2.91 4.88
CA LEU A 67 -12.35 -3.82 5.76
C LEU A 67 -13.19 -4.38 6.93
N THR A 68 -14.21 -3.63 7.35
CA THR A 68 -15.01 -4.03 8.50
C THR A 68 -16.41 -4.48 8.20
N GLU A 69 -16.80 -4.57 6.94
CA GLU A 69 -18.16 -4.96 6.65
C GLU A 69 -18.34 -6.45 6.84
N ASP A 70 -19.47 -6.82 7.47
CA ASP A 70 -19.83 -8.21 7.74
C ASP A 70 -20.53 -8.85 6.55
N MET B 1 -11.91 -14.99 -15.71
CA MET B 1 -10.64 -14.40 -15.19
C MET B 1 -10.84 -12.91 -14.83
N HIS B 2 -12.08 -12.51 -14.93
CA HIS B 2 -12.52 -11.15 -14.71
C HIS B 2 -12.73 -10.85 -13.22
N LYS B 3 -12.86 -11.89 -12.40
CA LYS B 3 -13.01 -11.65 -10.97
C LYS B 3 -11.57 -11.69 -10.42
N ILE B 4 -11.03 -10.56 -10.01
CA ILE B 4 -9.63 -10.50 -9.51
C ILE B 4 -9.54 -10.92 -8.04
N ASN B 5 -8.54 -11.73 -7.72
CA ASN B 5 -8.39 -12.16 -6.34
C ASN B 5 -7.86 -10.99 -5.50
N LYS B 6 -8.16 -10.99 -4.21
CA LYS B 6 -7.55 -10.02 -3.28
C LYS B 6 -6.03 -10.34 -3.31
N TRP B 7 -5.19 -9.32 -3.11
CA TRP B 7 -3.73 -9.53 -3.15
C TRP B 7 -3.28 -10.45 -4.29
N SER B 8 -3.82 -10.20 -5.47
CA SER B 8 -3.49 -11.07 -6.61
C SER B 8 -2.02 -11.08 -6.94
N VAL B 9 -1.30 -10.00 -6.67
CA VAL B 9 0.12 -10.03 -7.01
C VAL B 9 0.91 -11.17 -6.31
N ILE B 10 0.46 -11.60 -5.14
CA ILE B 10 1.16 -12.69 -4.41
C ILE B 10 0.30 -13.97 -4.31
N TYR B 11 -0.70 -14.06 -5.18
CA TYR B 11 -1.56 -15.24 -5.18
C TYR B 11 -0.61 -16.41 -5.50
N ASN B 12 -0.66 -17.48 -4.73
CA ASN B 12 0.28 -18.58 -5.06
C ASN B 12 1.72 -18.34 -4.62
N ILE B 13 2.04 -17.22 -3.97
CA ILE B 13 3.43 -17.02 -3.53
C ILE B 13 3.36 -17.62 -2.10
N ASN B 14 4.39 -18.34 -1.65
CA ASN B 14 4.24 -18.97 -0.33
C ASN B 14 4.37 -18.02 0.84
N SER B 15 4.00 -18.51 2.02
CA SER B 15 3.97 -17.69 3.22
C SER B 15 5.31 -17.15 3.67
N THR B 16 6.37 -17.86 3.37
CA THR B 16 7.71 -17.40 3.77
C THR B 16 8.06 -16.14 2.98
N VAL B 17 7.79 -16.17 1.70
CA VAL B 17 8.07 -15.04 0.83
C VAL B 17 7.11 -13.87 1.13
N THR B 18 5.83 -14.15 1.30
CA THR B 18 4.92 -13.05 1.61
C THR B 18 5.20 -12.45 2.98
N ARG B 19 5.67 -13.27 3.92
CA ARG B 19 6.02 -12.73 5.23
C ARG B 19 7.18 -11.76 5.10
N ALA B 20 8.21 -12.10 4.28
CA ALA B 20 9.34 -11.17 4.08
C ALA B 20 8.82 -9.87 3.43
N LEU B 21 7.91 -10.02 2.45
CA LEU B 21 7.32 -8.84 1.83
C LEU B 21 6.55 -7.99 2.88
N ARG B 22 5.80 -8.65 3.76
CA ARG B 22 5.06 -7.89 4.78
C ARG B 22 6.02 -7.17 5.73
N ASP B 23 7.12 -7.83 6.04
CA ASP B 23 8.13 -7.22 6.93
C ASP B 23 8.62 -5.88 6.30
N LEU B 24 8.92 -5.90 4.99
CA LEU B 24 9.36 -4.69 4.28
C LEU B 24 8.22 -3.64 4.24
N MET B 25 6.97 -4.07 4.00
CA MET B 25 5.87 -3.08 3.96
C MET B 25 5.72 -2.37 5.29
N GLN B 26 5.69 -3.16 6.36
CA GLN B 26 5.57 -2.60 7.69
C GLN B 26 6.75 -1.70 8.03
N GLY B 27 7.95 -2.05 7.58
CA GLY B 27 9.10 -1.18 7.85
C GLY B 27 8.91 0.24 7.22
N ILE B 28 8.26 0.29 6.06
CA ILE B 28 8.00 1.57 5.40
C ILE B 28 6.91 2.34 6.16
N LEU B 29 5.79 1.68 6.50
CA LEU B 29 4.70 2.32 7.22
C LEU B 29 5.15 2.78 8.63
N GLN B 30 5.99 2.00 9.34
CA GLN B 30 6.41 2.38 10.70
C GLN B 30 7.33 3.57 10.72
N LYS B 31 7.88 3.94 9.57
CA LYS B 31 8.76 5.09 9.50
C LYS B 31 8.03 6.41 9.25
N ILE B 32 6.71 6.33 9.16
CA ILE B 32 5.89 7.53 8.98
C ILE B 32 5.59 7.95 10.46
N ASP C 2 -2.69 13.90 14.50
CA ASP C 2 -2.28 14.07 13.11
C ASP C 2 -0.81 13.81 12.87
N THR C 3 -0.56 12.59 12.42
CA THR C 3 0.76 12.04 12.11
C THR C 3 0.40 10.62 12.48
N SER C 4 -0.43 10.53 13.51
CA SER C 4 -0.93 9.26 13.94
C SER C 4 -1.98 8.98 12.86
N LEU C 5 -2.77 10.01 12.49
CA LEU C 5 -3.79 9.81 11.45
C LEU C 5 -3.15 9.67 10.03
N ILE C 6 -2.05 10.39 9.78
CA ILE C 6 -1.34 10.25 8.50
C ILE C 6 -0.88 8.76 8.36
N ARG C 7 -0.36 8.18 9.44
CA ARG C 7 0.11 6.79 9.39
C ARG C 7 -1.06 5.86 9.22
N GLU C 8 -2.18 6.14 9.89
CA GLU C 8 -3.32 5.25 9.73
C GLU C 8 -3.91 5.30 8.31
N LEU C 9 -3.92 6.49 7.70
CA LEU C 9 -4.44 6.62 6.34
C LEU C 9 -3.49 5.86 5.40
N ALA C 10 -2.19 5.96 5.64
CA ALA C 10 -1.24 5.21 4.78
C ALA C 10 -1.51 3.69 4.91
N GLU C 11 -1.80 3.24 6.13
CA GLU C 11 -2.08 1.80 6.34
C GLU C 11 -3.40 1.39 5.72
N LEU C 12 -4.40 2.27 5.84
CA LEU C 12 -5.68 1.98 5.19
C LEU C 12 -5.43 1.86 3.68
N ALA C 13 -4.65 2.77 3.09
CA ALA C 13 -4.42 2.74 1.65
C ALA C 13 -3.71 1.42 1.23
N LEU C 14 -2.72 1.00 2.02
CA LEU C 14 -1.99 -0.23 1.68
C LEU C 14 -2.94 -1.42 1.78
N ALA C 15 -3.70 -1.52 2.88
CA ALA C 15 -4.65 -2.64 3.04
C ALA C 15 -5.64 -2.60 1.88
N GLY C 16 -6.12 -1.42 1.57
CA GLY C 16 -7.07 -1.25 0.48
C GLY C 16 -6.54 -1.56 -0.92
N SER C 17 -5.26 -1.35 -1.13
CA SER C 17 -4.64 -1.60 -2.43
C SER C 17 -4.69 -3.11 -2.76
N GLY C 18 -4.85 -3.96 -1.76
CA GLY C 18 -4.90 -5.40 -1.99
C GLY C 18 -6.34 -5.90 -1.97
N GLN C 19 -7.29 -4.99 -1.74
CA GLN C 19 -8.71 -5.39 -1.69
C GLN C 19 -9.59 -4.55 -2.62
N HIS C 20 -9.07 -4.30 -3.80
CA HIS C 20 -9.79 -3.59 -4.85
C HIS C 20 -10.18 -2.13 -4.58
N CYS C 21 -9.60 -1.47 -3.58
CA CYS C 21 -9.96 -0.07 -3.33
C CYS C 21 -8.89 0.80 -3.96
N HIS C 22 -8.81 0.73 -5.29
CA HIS C 22 -7.74 1.43 -6.01
C HIS C 22 -7.83 2.94 -6.11
N GLU C 23 -9.03 3.44 -6.35
CA GLU C 23 -9.24 4.90 -6.41
C GLU C 23 -8.95 5.50 -5.03
N GLU C 24 -9.45 4.84 -4.00
CA GLU C 24 -9.20 5.31 -2.64
C GLU C 24 -7.71 5.32 -2.31
N ALA C 25 -7.01 4.23 -2.63
CA ALA C 25 -5.59 4.13 -2.31
C ALA C 25 -4.82 5.23 -3.03
N LEU C 26 -5.18 5.44 -4.29
CA LEU C 26 -4.52 6.46 -5.10
C LEU C 26 -4.70 7.88 -4.51
N CYS C 27 -5.91 8.22 -4.08
CA CYS C 27 -6.13 9.54 -3.48
C CYS C 27 -5.25 9.70 -2.26
N ILE C 28 -5.09 8.61 -1.50
CA ILE C 28 -4.26 8.71 -0.31
C ILE C 28 -2.78 8.85 -0.68
N ALA C 29 -2.35 8.12 -1.70
CA ALA C 29 -0.94 8.22 -2.11
C ALA C 29 -0.60 9.64 -2.56
N GLU C 30 -1.48 10.25 -3.33
CA GLU C 30 -1.24 11.63 -3.85
C GLU C 30 -1.11 12.60 -2.66
N TRP C 31 -2.02 12.47 -1.72
CA TRP C 31 -1.96 13.29 -0.50
C TRP C 31 -0.65 13.03 0.30
N LEU C 32 -0.23 11.76 0.45
CA LEU C 32 1.02 11.44 1.16
C LEU C 32 2.22 12.11 0.44
N GLU C 33 2.17 12.17 -0.89
CA GLU C 33 3.24 12.83 -1.60
C GLU C 33 3.22 14.34 -1.27
N ARG C 34 2.05 14.94 -1.19
CA ARG C 34 2.02 16.37 -0.80
C ARG C 34 2.65 16.56 0.57
N LEU C 35 2.53 15.54 1.43
CA LEU C 35 3.08 15.63 2.77
C LEU C 35 4.53 15.18 2.86
N GLY C 36 5.11 14.75 1.74
CA GLY C 36 6.50 14.36 1.76
C GLY C 36 6.75 12.90 2.10
N GLN C 37 5.70 12.10 2.19
CA GLN C 37 5.87 10.67 2.56
C GLN C 37 5.97 9.89 1.23
N ASP C 38 7.04 10.18 0.51
CA ASP C 38 7.21 9.60 -0.83
C ASP C 38 7.37 8.08 -0.91
N GLU C 39 8.18 7.52 -0.02
CA GLU C 39 8.40 6.09 -0.03
C GLU C 39 7.10 5.35 0.23
N ALA C 40 6.35 5.79 1.25
CA ALA C 40 5.07 5.16 1.51
C ALA C 40 4.10 5.37 0.36
N ALA C 41 4.08 6.56 -0.23
CA ALA C 41 3.15 6.79 -1.35
C ALA C 41 3.54 5.84 -2.52
N ARG C 42 4.84 5.69 -2.76
CA ARG C 42 5.35 4.88 -3.87
C ARG C 42 4.96 3.40 -3.65
N LEU C 43 5.16 2.91 -2.44
CA LEU C 43 4.69 1.56 -2.06
C LEU C 43 3.19 1.35 -2.39
N ILE C 44 2.36 2.30 -1.99
CA ILE C 44 0.92 2.17 -2.23
C ILE C 44 0.58 2.18 -3.73
N ARG C 45 1.19 3.09 -4.45
CA ARG C 45 0.99 3.21 -5.90
C ARG C 45 1.36 1.88 -6.56
N ILE C 46 2.54 1.37 -6.22
CA ILE C 46 3.01 0.11 -6.82
C ILE C 46 2.13 -1.13 -6.47
N SER C 47 1.76 -1.24 -5.20
CA SER C 47 0.91 -2.33 -4.76
C SER C 47 -0.44 -2.26 -5.48
N SER C 48 -1.00 -1.05 -5.57
CA SER C 48 -2.31 -0.89 -6.21
C SER C 48 -2.23 -1.28 -7.69
N LEU C 49 -1.18 -0.80 -8.38
CA LEU C 49 -1.03 -1.14 -9.79
C LEU C 49 -0.76 -2.64 -9.98
N ALA C 50 0.16 -3.20 -9.21
CA ALA C 50 0.47 -4.62 -9.37
C ALA C 50 -0.75 -5.49 -9.04
N ASN C 51 -1.52 -5.12 -8.01
CA ASN C 51 -2.69 -5.90 -7.63
C ASN C 51 -3.85 -5.75 -8.66
N GLN C 52 -3.76 -4.78 -9.56
CA GLN C 52 -4.77 -4.65 -10.63
C GLN C 52 -4.26 -5.40 -11.86
N GLY C 53 -3.06 -5.96 -11.79
CA GLY C 53 -2.47 -6.62 -12.94
C GLY C 53 -1.79 -5.62 -13.90
N ARG C 54 -1.63 -4.36 -13.48
CA ARG C 54 -1.00 -3.34 -14.35
C ARG C 54 0.48 -3.34 -14.09
N TYR C 55 1.09 -4.45 -14.47
CA TYR C 55 2.51 -4.70 -14.20
C TYR C 55 3.51 -3.75 -14.84
N GLN C 56 3.27 -3.40 -16.12
CA GLN C 56 4.16 -2.50 -16.84
C GLN C 56 4.15 -1.10 -16.21
N GLU C 57 2.99 -0.62 -15.82
CA GLU C 57 2.95 0.70 -15.19
C GLU C 57 3.64 0.65 -13.80
N ALA C 58 3.47 -0.44 -13.05
CA ALA C 58 4.16 -0.54 -11.75
C ALA C 58 5.66 -0.55 -12.00
N LEU C 59 6.09 -1.20 -13.07
CA LEU C 59 7.51 -1.29 -13.39
C LEU C 59 8.11 0.02 -13.89
N ALA C 60 7.28 1.00 -14.28
CA ALA C 60 7.87 2.28 -14.68
C ALA C 60 8.68 2.87 -13.47
N PHE C 61 8.29 2.52 -12.24
CA PHE C 61 8.97 3.03 -11.02
C PHE C 61 10.31 2.32 -10.72
N ALA C 62 10.58 1.20 -11.37
CA ALA C 62 11.85 0.47 -11.14
C ALA C 62 13.12 1.24 -11.58
N HIS C 63 12.96 2.00 -12.66
CA HIS C 63 14.04 2.85 -13.24
C HIS C 63 14.67 3.80 -12.23
N GLY C 64 15.89 3.52 -11.78
CA GLY C 64 16.54 4.39 -10.79
C GLY C 64 15.93 4.27 -9.38
N ASN C 65 15.03 3.31 -9.16
CA ASN C 65 14.38 3.14 -7.85
C ASN C 65 15.36 3.40 -6.71
N PRO C 66 15.08 4.39 -5.87
CA PRO C 66 15.96 4.70 -4.75
C PRO C 66 15.66 3.97 -3.41
N TRP C 67 14.56 3.19 -3.36
CA TRP C 67 14.14 2.49 -2.11
C TRP C 67 14.23 1.00 -2.27
N PRO C 68 15.29 0.38 -1.75
CA PRO C 68 15.43 -1.07 -1.89
C PRO C 68 14.24 -1.91 -1.40
N ALA C 69 13.51 -1.43 -0.40
CA ALA C 69 12.38 -2.22 0.11
C ALA C 69 11.27 -2.40 -0.95
N LEU C 70 11.30 -1.60 -2.02
CA LEU C 70 10.30 -1.70 -3.08
C LEU C 70 10.71 -2.72 -4.15
N GLU C 71 11.98 -3.12 -4.14
CA GLU C 71 12.47 -4.07 -5.18
C GLU C 71 11.65 -5.39 -5.34
N PRO C 72 11.21 -6.01 -4.22
CA PRO C 72 10.44 -7.24 -4.40
C PRO C 72 9.21 -7.07 -5.32
N TRP C 73 8.56 -5.90 -5.26
CA TRP C 73 7.40 -5.64 -6.09
C TRP C 73 7.79 -5.69 -7.55
N PHE C 74 8.95 -5.14 -7.91
CA PHE C 74 9.36 -5.19 -9.34
C PHE C 74 9.67 -6.65 -9.75
N ALA C 75 10.32 -7.43 -8.89
CA ALA C 75 10.54 -8.88 -9.20
C ALA C 75 9.14 -9.55 -9.45
N LEU C 76 8.17 -9.25 -8.59
CA LEU C 76 6.84 -9.90 -8.74
C LEU C 76 6.23 -9.51 -10.09
N CYS C 77 6.38 -8.24 -10.47
CA CYS C 77 5.85 -7.74 -11.75
C CYS C 77 6.51 -8.47 -12.93
N GLU C 78 7.82 -8.59 -12.86
CA GLU C 78 8.58 -9.28 -13.93
C GLU C 78 8.10 -10.76 -14.00
N TRP C 79 7.89 -11.36 -12.84
CA TRP C 79 7.42 -12.74 -12.78
C TRP C 79 6.05 -12.87 -13.49
N HIS C 80 5.06 -12.04 -13.17
CA HIS C 80 3.75 -12.17 -13.81
C HIS C 80 3.80 -11.80 -15.28
N LEU C 81 4.80 -11.01 -15.69
CA LEU C 81 4.92 -10.65 -17.10
C LEU C 81 5.76 -11.72 -17.87
N GLY C 82 6.21 -12.76 -17.18
CA GLY C 82 7.02 -13.81 -17.80
C GLY C 82 8.42 -13.39 -18.20
N LEU C 83 8.89 -12.29 -17.63
CA LEU C 83 10.24 -11.79 -17.92
C LEU C 83 11.25 -12.56 -17.08
N GLY C 84 11.44 -13.84 -17.42
CA GLY C 84 12.33 -14.72 -16.64
C GLY C 84 13.77 -14.29 -16.38
N ALA C 85 14.45 -13.81 -17.41
CA ALA C 85 15.85 -13.42 -17.23
C ALA C 85 15.99 -12.12 -16.42
N ALA C 86 15.09 -11.16 -16.63
CA ALA C 86 15.14 -9.92 -15.89
C ALA C 86 14.87 -10.27 -14.41
N LEU C 87 13.87 -11.13 -14.16
CA LEU C 87 13.53 -11.56 -12.80
C LEU C 87 14.77 -12.17 -12.13
N ASP C 88 15.43 -13.08 -12.83
CA ASP C 88 16.59 -13.75 -12.28
C ASP C 88 17.70 -12.77 -11.95
N ARG C 89 17.94 -11.78 -12.80
CA ARG C 89 19.00 -10.80 -12.48
C ARG C 89 18.59 -9.97 -11.24
N ARG C 90 17.35 -9.53 -11.18
CA ARG C 90 16.92 -8.75 -10.02
C ARG C 90 17.09 -9.60 -8.74
N LEU C 91 16.57 -10.84 -8.74
CA LEU C 91 16.72 -11.69 -7.56
C LEU C 91 18.18 -11.90 -7.18
N ALA C 92 19.04 -12.16 -8.18
CA ALA C 92 20.48 -12.34 -7.89
C ALA C 92 21.04 -11.07 -7.21
N GLY C 93 20.60 -9.89 -7.65
CA GLY C 93 21.07 -8.66 -7.03
C GLY C 93 20.62 -8.54 -5.56
N LEU C 94 19.33 -8.78 -5.32
CA LEU C 94 18.78 -8.69 -3.97
C LEU C 94 19.38 -9.72 -3.02
N GLY C 95 19.87 -10.82 -3.57
CA GLY C 95 20.46 -11.87 -2.76
C GLY C 95 21.52 -11.40 -1.77
N GLY C 96 22.35 -10.44 -2.19
CA GLY C 96 23.38 -9.93 -1.31
C GLY C 96 23.01 -8.73 -0.45
N SER C 97 21.73 -8.41 -0.37
CA SER C 97 21.28 -7.26 0.43
C SER C 97 21.63 -7.39 1.89
N SER C 98 21.92 -6.25 2.54
CA SER C 98 22.23 -6.27 3.97
C SER C 98 20.90 -6.29 4.76
N ASP C 99 19.77 -6.02 4.09
CA ASP C 99 18.46 -6.05 4.77
C ASP C 99 18.03 -7.53 4.70
N PRO C 100 17.95 -8.22 5.85
CA PRO C 100 17.57 -9.63 5.83
C PRO C 100 16.22 -9.91 5.18
N ALA C 101 15.28 -8.98 5.28
CA ALA C 101 13.99 -9.24 4.63
C ALA C 101 14.12 -9.25 3.11
N LEU C 102 14.96 -8.39 2.56
CA LEU C 102 15.16 -8.36 1.11
C LEU C 102 15.89 -9.63 0.68
N ALA C 103 16.94 -9.99 1.42
CA ALA C 103 17.69 -11.17 1.08
C ALA C 103 16.80 -12.43 1.18
N ASP C 104 15.97 -12.50 2.23
CA ASP C 104 15.11 -13.68 2.38
C ASP C 104 14.02 -13.66 1.33
N PHE C 105 13.49 -12.47 1.00
CA PHE C 105 12.46 -12.49 -0.06
C PHE C 105 13.08 -13.05 -1.36
N ALA C 106 14.28 -12.59 -1.70
CA ALA C 106 14.93 -13.01 -2.95
C ALA C 106 15.23 -14.51 -2.99
N ALA C 107 15.86 -15.02 -1.93
CA ALA C 107 16.18 -16.45 -1.83
C ALA C 107 14.87 -17.25 -1.86
N GLY C 108 13.86 -16.81 -1.11
CA GLY C 108 12.61 -17.55 -1.13
C GLY C 108 11.90 -17.55 -2.49
N MET C 109 11.87 -16.41 -3.18
CA MET C 109 11.15 -16.39 -4.44
C MET C 109 11.93 -17.23 -5.49
N ARG C 110 13.25 -17.14 -5.45
CA ARG C 110 14.06 -17.90 -6.39
C ARG C 110 13.77 -19.38 -6.16
N ALA C 111 13.74 -19.78 -4.90
CA ALA C 111 13.47 -21.16 -4.55
C ALA C 111 12.09 -21.62 -4.99
N GLN C 112 11.09 -20.76 -4.84
CA GLN C 112 9.76 -21.18 -5.22
C GLN C 112 9.50 -21.11 -6.73
N VAL C 113 10.17 -20.16 -7.36
CA VAL C 113 10.02 -19.86 -8.77
C VAL C 113 11.01 -20.51 -9.74
N ARG C 114 12.28 -20.61 -9.33
CA ARG C 114 13.32 -21.20 -10.18
C ARG C 114 13.47 -22.73 -10.01
N THR C 115 13.45 -23.40 -11.06
NI NI D . -15.48 16.80 0.40
NI NI E . -3.58 18.37 2.49
NI NI F . -13.52 -13.98 -15.49
#